data_6TIH
#
_entry.id   6TIH
#
_cell.length_a   95.720
_cell.length_b   63.611
_cell.length_c   87.627
_cell.angle_alpha   90.000
_cell.angle_beta   90.000
_cell.angle_gamma   90.000
#
_symmetry.space_group_name_H-M   'P 21 21 2'
#
loop_
_entity.id
_entity.type
_entity.pdbx_description
1 polymer 'Ferulic acid decarboxylase 1'
2 non-polymer 'MANGANESE (II) ION'
3 non-polymer 'POTASSIUM ION'
4 non-polymer 'hydroxylated prenyl-FMN'
5 non-polymer 'benzothiophene 2 carboxylic acid'
6 water water
#
_entity_poly.entity_id   1
_entity_poly.type   'polypeptide(L)'
_entity_poly.pdbx_seq_one_letter_code
;MSAQPAHLCFRSFVEALKVDNDLVEINTPIDPNLEAAAITRRVCETNDKAPLFNNLIGMKNGLFRILGAPGSLRKSSADR
YGRLARHLALPPTASMREILDKMLSASDMPPIPPTIVPTGPCKENSLDDSEFDLTELPVPLIHKSDGGKYIQTYGMHIVQ
SPDGTWTNWSIARAMVHDKNHLTGLVIPPQHIWQIHQMWKKEGRSDVPWALAFGVPPAAIMASSMPIPDGVTEAGYVGAM
TGSSLELVKCDTNDLYVPATSEIVLEGTLSISETGPEGPFGEMHGYIFPGDTHLGAKYKVNRITYRNNAIMPMSSCGRLT
DETHTMIGSLAAAEIRKLCQQNDLPITDAFAPFESQVTWVALRVDTEKLRAMKTTSEGFRKRVGDVVFNHKAGYTIHRLV
LVGDDIDVYEGKDVLWAFSTRCRPGMDETLFEDVRGFPLIPYMGHGNGPAHRGGKVVSDALMPTEYTTGRNWEAADFNQS
YPEDLKQKVLDNWTKMGFSNLEHHHHHH
;
_entity_poly.pdbx_strand_id   AAA
#
loop_
_chem_comp.id
_chem_comp.type
_chem_comp.name
_chem_comp.formula
BYN non-polymer 'hydroxylated prenyl-FMN' 'C22 H31 N4 O10 P'
K non-polymer 'POTASSIUM ION' 'K 1'
MN non-polymer 'MANGANESE (II) ION' 'Mn 2'
ND8 non-polymer 'benzothiophene 2 carboxylic acid' 'C9 H6 O2 S'
#
# COMPACT_ATOMS: atom_id res chain seq x y z
N GLN A 4 -7.99 15.07 18.47
CA GLN A 4 -8.54 13.92 17.73
C GLN A 4 -7.54 12.79 17.67
N PRO A 5 -8.00 11.53 17.67
CA PRO A 5 -7.09 10.40 17.70
C PRO A 5 -6.16 10.31 16.47
N ALA A 6 -5.01 9.71 16.71
CA ALA A 6 -3.98 9.60 15.64
C ALA A 6 -4.49 8.91 14.38
N HIS A 7 -5.32 7.89 14.53
CA HIS A 7 -5.79 7.14 13.36
C HIS A 7 -6.83 7.93 12.58
N LEU A 8 -7.39 8.97 13.16
CA LEU A 8 -8.44 9.82 12.58
C LEU A 8 -7.97 11.20 12.16
N CYS A 9 -6.72 11.55 12.40
CA CYS A 9 -6.26 12.93 12.15
C CYS A 9 -4.77 12.87 11.89
N PHE A 10 -4.34 13.24 10.68
CA PHE A 10 -2.94 13.13 10.33
C PHE A 10 -2.04 13.96 11.22
N ARG A 11 -2.47 15.14 11.61
CA ARG A 11 -1.63 15.98 12.47
C ARG A 11 -1.36 15.28 13.81
N SER A 12 -2.39 14.59 14.36
CA SER A 12 -2.20 13.79 15.58
C SER A 12 -1.32 12.59 15.34
N PHE A 13 -1.38 11.97 14.17
CA PHE A 13 -0.47 10.87 13.79
C PHE A 13 0.97 11.33 13.82
N VAL A 14 1.26 12.52 13.31
CA VAL A 14 2.63 13.03 13.35
C VAL A 14 3.09 13.15 14.80
N GLU A 15 2.22 13.71 15.66
N GLU A 15 2.19 13.71 15.64
CA GLU A 15 2.53 13.79 17.09
CA GLU A 15 2.49 13.85 17.07
C GLU A 15 2.80 12.42 17.67
C GLU A 15 2.71 12.47 17.72
N ALA A 16 1.99 11.43 17.30
CA ALA A 16 2.21 10.08 17.78
C ALA A 16 3.59 9.57 17.38
N LEU A 17 4.01 9.76 16.16
CA LEU A 17 5.35 9.33 15.79
C LEU A 17 6.40 10.02 16.66
N LYS A 18 6.26 11.32 16.89
N LYS A 18 6.16 11.28 16.98
CA LYS A 18 7.21 12.07 17.75
CA LYS A 18 7.07 12.07 17.84
C LYS A 18 7.22 11.42 19.13
C LYS A 18 7.16 11.42 19.20
N VAL A 19 6.05 11.23 19.73
N VAL A 19 6.04 11.16 19.84
CA VAL A 19 5.97 10.64 21.10
CA VAL A 19 6.16 10.66 21.24
C VAL A 19 6.58 9.24 21.15
C VAL A 19 6.53 9.18 21.23
N ASP A 20 6.45 8.48 20.06
CA ASP A 20 7.05 7.12 19.96
C ASP A 20 8.56 7.13 19.81
N ASN A 21 9.15 8.33 19.72
CA ASN A 21 10.60 8.40 19.39
C ASN A 21 10.85 7.74 18.02
N ASP A 22 9.92 8.05 17.09
CA ASP A 22 9.92 7.49 15.73
C ASP A 22 9.94 8.55 14.69
N LEU A 23 10.33 9.75 15.07
N LEU A 23 10.49 9.69 15.01
CA LEU A 23 10.35 10.95 14.20
CA LEU A 23 10.42 10.81 14.09
C LEU A 23 11.67 11.66 14.36
C LEU A 23 11.54 11.80 14.35
N VAL A 24 12.20 12.20 13.28
CA VAL A 24 13.31 13.16 13.31
C VAL A 24 12.79 14.43 12.66
N GLU A 25 12.72 15.50 13.46
CA GLU A 25 12.32 16.81 12.97
C GLU A 25 13.56 17.53 12.46
N ILE A 26 13.59 17.79 11.16
N ILE A 26 13.55 17.90 11.19
CA ILE A 26 14.67 18.53 10.52
CA ILE A 26 14.68 18.53 10.53
C ILE A 26 14.16 19.94 10.37
C ILE A 26 14.27 19.97 10.26
N ASN A 27 14.80 20.87 11.08
CA ASN A 27 14.34 22.27 11.14
C ASN A 27 15.24 23.22 10.35
N THR A 28 16.30 22.71 9.77
CA THR A 28 17.20 23.45 8.88
C THR A 28 16.74 23.29 7.43
N PRO A 29 17.16 24.14 6.52
CA PRO A 29 16.60 24.07 5.16
C PRO A 29 16.99 22.79 4.46
N ILE A 30 16.00 22.16 3.83
CA ILE A 30 16.18 20.95 3.03
C ILE A 30 15.57 21.21 1.65
N ASP A 31 16.26 20.76 0.61
CA ASP A 31 15.80 21.00 -0.75
C ASP A 31 14.80 19.92 -1.17
N PRO A 32 13.60 20.32 -1.65
CA PRO A 32 12.68 19.33 -2.24
C PRO A 32 13.23 18.74 -3.54
N ASN A 33 14.19 19.39 -4.18
CA ASN A 33 14.86 18.78 -5.33
C ASN A 33 15.84 17.75 -4.79
N LEU A 34 15.38 16.50 -4.78
CA LEU A 34 16.13 15.28 -4.39
C LEU A 34 16.51 15.13 -2.93
N GLU A 35 16.89 16.20 -2.23
CA GLU A 35 17.46 16.00 -0.88
C GLU A 35 16.46 15.40 0.08
N ALA A 36 15.22 15.92 0.11
CA ALA A 36 14.20 15.35 1.01
C ALA A 36 13.99 13.86 0.75
N ALA A 37 13.85 13.55 -0.55
CA ALA A 37 13.62 12.17 -0.96
C ALA A 37 14.84 11.27 -0.71
N ALA A 38 16.04 11.81 -0.83
CA ALA A 38 17.25 11.02 -0.59
C ALA A 38 17.36 10.61 0.87
N ILE A 39 17.08 11.59 1.74
CA ILE A 39 17.05 11.31 3.18
C ILE A 39 15.99 10.23 3.47
N THR A 40 14.80 10.43 2.89
CA THR A 40 13.70 9.50 3.10
C THR A 40 14.08 8.08 2.56
N ARG A 41 14.71 8.05 1.41
CA ARG A 41 15.14 6.77 0.82
C ARG A 41 16.08 6.05 1.75
N ARG A 42 17.05 6.79 2.31
N ARG A 42 17.04 6.74 2.36
CA ARG A 42 18.03 6.21 3.24
CA ARG A 42 17.99 6.05 3.24
C ARG A 42 17.28 5.69 4.47
C ARG A 42 17.27 5.66 4.52
N VAL A 43 16.32 6.45 5.00
CA VAL A 43 15.49 6.01 6.10
C VAL A 43 14.84 4.65 5.77
N CYS A 44 14.21 4.57 4.60
CA CYS A 44 13.49 3.39 4.23
C CYS A 44 14.38 2.15 4.04
N GLU A 45 15.61 2.39 3.55
CA GLU A 45 16.55 1.31 3.33
C GLU A 45 17.17 0.82 4.64
N THR A 46 17.08 1.61 5.73
CA THR A 46 17.70 1.29 6.99
C THR A 46 16.70 1.18 8.13
N ASN A 47 15.42 1.30 7.86
CA ASN A 47 14.35 1.22 8.85
C ASN A 47 14.57 2.27 9.96
N ASP A 48 14.99 3.46 9.59
CA ASP A 48 15.22 4.55 10.58
C ASP A 48 13.91 5.27 10.88
N LYS A 49 13.98 6.28 11.72
CA LYS A 49 12.86 7.11 12.12
C LYS A 49 12.37 7.92 10.93
N ALA A 50 11.06 8.22 10.92
CA ALA A 50 10.46 9.02 9.84
C ALA A 50 10.97 10.44 9.90
N PRO A 51 11.32 11.02 8.75
CA PRO A 51 11.78 12.42 8.75
C PRO A 51 10.63 13.38 8.52
N LEU A 52 10.59 14.44 9.33
CA LEU A 52 9.66 15.55 9.16
C LEU A 52 10.50 16.78 8.79
N PHE A 53 10.30 17.24 7.57
CA PHE A 53 11.04 18.38 7.01
C PHE A 53 10.20 19.63 7.26
N ASN A 54 10.58 20.36 8.33
CA ASN A 54 9.87 21.55 8.76
C ASN A 54 10.33 22.83 8.05
N ASN A 55 11.38 22.75 7.27
CA ASN A 55 12.01 23.92 6.64
C ASN A 55 12.38 23.53 5.22
N LEU A 56 11.39 23.49 4.36
N LEU A 56 11.38 23.42 4.37
CA LEU A 56 11.55 22.94 3.00
CA LEU A 56 11.63 23.10 2.94
C LEU A 56 11.80 24.12 2.08
C LEU A 56 11.93 24.34 2.16
N ILE A 57 12.91 24.17 1.36
CA ILE A 57 13.27 25.25 0.43
C ILE A 57 12.15 25.40 -0.61
N GLY A 58 11.54 26.56 -0.64
CA GLY A 58 10.43 26.85 -1.55
C GLY A 58 9.08 26.85 -0.87
N MET A 59 8.99 26.46 0.44
N MET A 59 9.04 26.54 0.43
CA MET A 59 7.72 26.54 1.21
CA MET A 59 7.79 26.76 1.14
C MET A 59 7.32 28.02 1.37
C MET A 59 7.34 28.20 0.91
N LYS A 60 6.10 28.38 0.96
CA LYS A 60 5.60 29.77 1.06
C LYS A 60 4.18 29.77 1.55
N ASN A 61 3.87 30.66 2.45
CA ASN A 61 2.47 30.88 2.89
C ASN A 61 1.83 29.58 3.29
N GLY A 62 2.61 28.76 3.91
CA GLY A 62 2.10 27.57 4.57
C GLY A 62 2.21 26.32 3.74
N LEU A 63 2.58 26.41 2.45
CA LEU A 63 2.64 25.22 1.61
C LEU A 63 4.10 24.95 1.26
N PHE A 64 4.71 23.88 1.79
CA PHE A 64 4.25 22.93 2.75
C PHE A 64 5.49 22.33 3.41
N ARG A 65 5.30 21.65 4.52
CA ARG A 65 6.29 20.76 5.15
C ARG A 65 6.15 19.39 4.50
N ILE A 66 7.10 18.47 4.71
CA ILE A 66 6.95 17.10 4.21
C ILE A 66 7.21 16.13 5.34
N LEU A 67 6.39 15.08 5.43
CA LEU A 67 6.67 13.90 6.24
C LEU A 67 7.04 12.76 5.33
N GLY A 68 8.26 12.24 5.40
CA GLY A 68 8.65 11.07 4.62
C GLY A 68 8.38 9.78 5.36
N ALA A 69 8.32 8.68 4.62
CA ALA A 69 8.31 7.33 5.20
C ALA A 69 7.15 7.14 6.21
N PRO A 70 5.91 7.59 5.90
CA PRO A 70 4.83 7.48 6.88
C PRO A 70 4.40 6.05 7.22
N GLY A 71 4.62 5.10 6.32
CA GLY A 71 4.17 3.72 6.53
C GLY A 71 5.29 2.72 6.42
N SER A 72 6.54 3.17 6.64
CA SER A 72 7.71 2.30 6.53
C SER A 72 8.03 1.60 7.84
N LEU A 73 9.07 0.79 7.86
CA LEU A 73 9.33 -0.13 8.98
C LEU A 73 10.21 0.53 10.05
N ARG A 74 10.02 0.07 11.26
CA ARG A 74 10.92 0.39 12.36
C ARG A 74 12.01 -0.67 12.50
N LYS A 75 13.12 -0.33 13.13
CA LYS A 75 14.26 -1.24 13.16
C LYS A 75 13.98 -2.47 14.03
N SER A 76 13.40 -2.22 15.14
N SER A 76 13.51 -2.27 15.23
CA SER A 76 13.19 -3.30 16.12
CA SER A 76 13.29 -3.40 16.19
C SER A 76 12.23 -4.36 15.57
C SER A 76 12.21 -4.35 15.68
N SER A 77 12.42 -5.62 15.95
CA SER A 77 11.43 -6.67 15.65
C SER A 77 10.16 -6.38 16.45
N ALA A 78 10.28 -5.93 17.69
CA ALA A 78 9.12 -5.87 18.59
C ALA A 78 8.07 -4.89 18.08
N ASP A 79 8.47 -3.78 17.48
CA ASP A 79 7.52 -2.79 16.96
C ASP A 79 7.77 -2.54 15.49
N ARG A 80 8.21 -3.54 14.73
CA ARG A 80 8.53 -3.45 13.31
C ARG A 80 7.47 -2.70 12.53
N TYR A 81 6.21 -3.04 12.81
CA TYR A 81 5.07 -2.51 12.06
C TYR A 81 4.37 -1.39 12.79
N GLY A 82 5.06 -0.74 13.75
CA GLY A 82 4.43 0.26 14.56
C GLY A 82 3.86 1.43 13.81
N ARG A 83 4.48 1.87 12.72
CA ARG A 83 3.91 2.97 11.98
C ARG A 83 2.57 2.59 11.38
N LEU A 84 2.45 1.35 10.91
N LEU A 84 2.43 1.35 10.88
CA LEU A 84 1.16 0.89 10.39
CA LEU A 84 1.12 0.88 10.38
C LEU A 84 0.16 0.79 11.54
C LEU A 84 0.13 0.75 11.54
N ALA A 85 0.58 0.24 12.67
CA ALA A 85 -0.33 0.16 13.81
C ALA A 85 -0.84 1.56 14.21
N ARG A 86 -0.01 2.59 14.10
CA ARG A 86 -0.43 3.94 14.42
C ARG A 86 -1.42 4.50 13.40
N HIS A 87 -1.56 3.91 12.23
CA HIS A 87 -2.63 4.29 11.31
C HIS A 87 -4.00 3.78 11.76
N LEU A 88 -4.03 2.88 12.74
CA LEU A 88 -5.21 2.04 12.96
C LEU A 88 -5.61 1.95 14.41
N ALA A 89 -4.99 2.68 15.32
CA ALA A 89 -5.29 2.65 16.77
C ALA A 89 -4.86 1.35 17.41
N LEU A 90 -4.01 0.58 16.74
CA LEU A 90 -3.49 -0.68 17.30
C LEU A 90 -2.26 -0.41 18.15
N PRO A 91 -1.99 -1.28 19.14
CA PRO A 91 -0.72 -1.18 19.84
C PRO A 91 0.45 -1.21 18.90
N PRO A 92 1.57 -0.52 19.21
CA PRO A 92 2.68 -0.45 18.27
C PRO A 92 3.42 -1.78 18.07
N THR A 93 3.19 -2.73 18.95
CA THR A 93 3.67 -4.09 18.88
C THR A 93 2.79 -5.02 18.05
N ALA A 94 1.77 -4.49 17.44
CA ALA A 94 0.84 -5.36 16.68
C ALA A 94 1.59 -6.17 15.59
N SER A 95 1.16 -7.40 15.44
CA SER A 95 1.67 -8.26 14.39
C SER A 95 1.02 -7.91 13.04
N MET A 96 1.65 -8.41 11.98
N MET A 96 1.62 -8.37 11.94
CA MET A 96 1.06 -8.25 10.66
CA MET A 96 1.00 -8.16 10.62
C MET A 96 -0.33 -8.89 10.62
C MET A 96 -0.33 -8.93 10.53
N ARG A 97 -0.47 -10.08 11.17
CA ARG A 97 -1.77 -10.74 11.19
C ARG A 97 -2.82 -9.81 11.81
N GLU A 98 -2.48 -9.17 12.94
CA GLU A 98 -3.40 -8.28 13.61
C GLU A 98 -3.73 -7.03 12.75
N ILE A 99 -2.75 -6.48 12.08
CA ILE A 99 -2.97 -5.34 11.21
C ILE A 99 -3.89 -5.72 10.06
N LEU A 100 -3.60 -6.84 9.42
CA LEU A 100 -4.43 -7.27 8.29
C LEU A 100 -5.86 -7.67 8.70
N ASP A 101 -5.97 -8.30 9.87
CA ASP A 101 -7.30 -8.62 10.39
C ASP A 101 -8.06 -7.33 10.66
N LYS A 102 -7.41 -6.28 11.17
CA LYS A 102 -8.10 -5.02 11.40
C LYS A 102 -8.57 -4.47 10.07
N MET A 103 -7.72 -4.50 9.04
CA MET A 103 -8.07 -3.99 7.71
C MET A 103 -9.21 -4.80 7.06
N LEU A 104 -9.37 -6.07 7.38
CA LEU A 104 -10.42 -6.93 6.87
C LEU A 104 -11.68 -6.86 7.68
N SER A 105 -11.64 -6.32 8.91
CA SER A 105 -12.74 -6.48 9.84
C SER A 105 -14.03 -5.88 9.33
N ALA A 106 -13.96 -4.79 8.57
CA ALA A 106 -15.15 -4.14 8.04
C ALA A 106 -15.82 -4.91 6.93
N SER A 107 -15.21 -5.99 6.41
N SER A 107 -15.16 -5.88 6.33
CA SER A 107 -15.73 -6.75 5.25
CA SER A 107 -15.74 -6.62 5.21
C SER A 107 -17.06 -7.45 5.54
C SER A 107 -17.12 -7.14 5.59
N ASP A 108 -17.39 -7.78 6.75
N ASP A 108 -17.20 -7.70 6.79
CA ASP A 108 -18.76 -8.27 7.10
CA ASP A 108 -18.40 -8.41 7.33
C ASP A 108 -19.28 -7.46 8.29
C ASP A 108 -19.43 -7.45 8.02
N MET A 109 -19.12 -6.16 8.16
CA MET A 109 -19.88 -5.21 8.99
C MET A 109 -20.69 -4.29 8.09
N PRO A 110 -21.81 -3.78 8.60
CA PRO A 110 -22.49 -2.70 7.93
C PRO A 110 -21.58 -1.51 7.85
N PRO A 111 -21.56 -0.80 6.70
CA PRO A 111 -20.80 0.43 6.62
C PRO A 111 -21.30 1.41 7.67
N ILE A 112 -20.41 2.30 8.08
CA ILE A 112 -20.79 3.49 8.88
C ILE A 112 -20.55 4.69 8.01
N PRO A 113 -21.59 5.23 7.38
CA PRO A 113 -21.39 6.32 6.45
C PRO A 113 -20.80 7.56 7.12
N PRO A 114 -20.14 8.39 6.38
CA PRO A 114 -19.52 9.58 6.91
C PRO A 114 -20.56 10.62 7.32
N THR A 115 -20.09 11.54 8.16
CA THR A 115 -20.87 12.66 8.71
C THR A 115 -20.37 13.93 8.04
N ILE A 116 -21.28 14.75 7.55
CA ILE A 116 -20.95 16.02 6.93
C ILE A 116 -20.90 17.05 8.03
N VAL A 117 -19.81 17.81 8.10
CA VAL A 117 -19.64 18.95 9.03
C VAL A 117 -19.44 20.19 8.20
N PRO A 118 -19.71 21.38 8.76
CA PRO A 118 -19.68 22.59 7.96
C PRO A 118 -18.29 23.12 7.67
N THR A 119 -17.29 22.78 8.47
CA THR A 119 -15.91 23.26 8.26
C THR A 119 -14.95 22.34 8.98
N GLY A 120 -13.68 22.60 8.71
CA GLY A 120 -12.63 21.88 9.41
C GLY A 120 -11.29 22.52 9.12
N PRO A 121 -10.23 21.97 9.70
CA PRO A 121 -8.92 22.56 9.52
C PRO A 121 -8.46 22.71 8.08
N CYS A 122 -8.92 21.81 7.20
CA CYS A 122 -8.52 21.89 5.80
C CYS A 122 -9.02 23.16 5.11
N LYS A 123 -9.88 23.95 5.77
CA LYS A 123 -10.42 25.21 5.22
C LYS A 123 -9.69 26.40 5.80
N GLU A 124 -8.62 26.20 6.58
CA GLU A 124 -7.94 27.35 7.22
C GLU A 124 -7.36 28.31 6.19
N ASN A 125 -6.96 27.82 5.03
CA ASN A 125 -6.37 28.63 3.98
C ASN A 125 -6.95 28.15 2.65
N SER A 126 -7.00 29.08 1.70
CA SER A 126 -7.47 28.75 0.36
C SER A 126 -6.66 29.56 -0.67
N LEU A 127 -6.59 28.98 -1.85
CA LEU A 127 -5.98 29.63 -3.00
C LEU A 127 -6.84 29.33 -4.22
N ASP A 128 -7.40 30.35 -4.86
CA ASP A 128 -8.15 30.19 -6.08
C ASP A 128 -7.18 30.06 -7.24
N ASP A 129 -7.92 29.98 -8.38
N ASP A 129 -7.69 29.69 -8.43
CA ASP A 129 -7.45 29.75 -9.76
CA ASP A 129 -6.89 29.53 -9.69
C ASP A 129 -6.50 30.86 -10.25
C ASP A 129 -5.97 30.74 -9.98
N SER A 130 -6.29 31.93 -9.48
CA SER A 130 -5.44 33.11 -9.86
C SER A 130 -4.31 33.24 -8.82
N GLU A 131 -4.34 32.46 -7.74
CA GLU A 131 -3.46 32.68 -6.56
C GLU A 131 -2.45 31.55 -6.40
N PHE A 132 -2.61 30.40 -7.06
CA PHE A 132 -1.60 29.32 -6.93
C PHE A 132 -0.96 29.05 -8.28
N ASP A 133 0.20 28.42 -8.22
CA ASP A 133 0.92 27.88 -9.39
C ASP A 133 1.63 26.63 -8.91
N LEU A 134 1.24 25.48 -9.38
CA LEU A 134 1.81 24.24 -8.90
C LEU A 134 3.31 24.12 -9.16
N THR A 135 3.80 24.82 -10.16
CA THR A 135 5.25 24.84 -10.43
C THR A 135 6.03 25.68 -9.44
N GLU A 136 5.33 26.47 -8.62
CA GLU A 136 5.94 27.37 -7.64
C GLU A 136 5.87 26.77 -6.22
N LEU A 137 5.31 25.63 -6.03
CA LEU A 137 5.27 24.99 -4.73
C LEU A 137 6.50 24.08 -4.59
N PRO A 138 6.88 23.69 -3.36
CA PRO A 138 8.08 22.87 -3.13
C PRO A 138 7.80 21.37 -3.34
N VAL A 139 7.27 21.07 -4.52
CA VAL A 139 6.98 19.72 -4.88
C VAL A 139 8.27 18.95 -5.04
N PRO A 140 8.40 17.75 -4.48
CA PRO A 140 9.68 17.05 -4.56
C PRO A 140 9.97 16.44 -5.91
N LEU A 141 11.25 16.48 -6.28
CA LEU A 141 11.81 15.52 -7.25
C LEU A 141 12.29 14.34 -6.41
N ILE A 142 11.66 13.18 -6.61
CA ILE A 142 11.87 12.06 -5.69
C ILE A 142 13.06 11.18 -6.12
N HIS A 143 13.27 11.01 -7.42
CA HIS A 143 14.38 10.21 -7.95
C HIS A 143 14.98 11.03 -9.09
N LYS A 144 16.29 10.92 -9.27
N LYS A 144 16.29 10.98 -9.30
CA LYS A 144 16.98 11.87 -10.16
CA LYS A 144 16.92 11.97 -10.20
C LYS A 144 16.52 11.81 -11.62
C LYS A 144 16.41 11.86 -11.63
N SER A 145 16.02 10.67 -12.10
CA SER A 145 15.55 10.51 -13.49
C SER A 145 14.03 10.59 -13.61
N ASP A 146 13.31 10.94 -12.55
CA ASP A 146 11.85 11.06 -12.68
C ASP A 146 11.48 12.08 -13.75
N GLY A 147 10.38 11.83 -14.44
CA GLY A 147 9.91 12.72 -15.51
C GLY A 147 9.11 13.90 -15.04
N GLY A 148 9.02 14.10 -13.75
CA GLY A 148 8.31 15.22 -13.17
C GLY A 148 8.46 15.25 -11.68
N LYS A 149 7.86 16.26 -11.07
N LYS A 149 7.95 16.34 -11.10
CA LYS A 149 7.88 16.40 -9.63
CA LYS A 149 7.88 16.53 -9.65
C LYS A 149 6.60 15.80 -9.09
C LYS A 149 6.62 15.80 -9.15
N TYR A 150 6.77 14.70 -8.37
CA TYR A 150 5.65 13.86 -7.94
C TYR A 150 5.08 14.38 -6.65
N ILE A 151 4.13 15.30 -6.82
CA ILE A 151 3.35 15.87 -5.70
C ILE A 151 2.57 14.81 -5.00
N GLN A 152 2.13 13.79 -5.75
CA GLN A 152 1.18 12.82 -5.24
C GLN A 152 1.79 11.45 -5.15
N THR A 153 2.23 11.11 -3.91
CA THR A 153 2.68 9.79 -3.56
C THR A 153 1.98 9.23 -2.33
N TYR A 154 1.21 10.07 -1.58
CA TYR A 154 0.58 9.51 -0.37
C TYR A 154 -0.71 10.25 -0.04
N GLY A 155 -1.31 10.89 -1.03
CA GLY A 155 -2.68 11.43 -0.89
C GLY A 155 -3.70 10.49 -1.48
N MET A 156 -4.95 10.86 -1.26
CA MET A 156 -6.10 10.06 -1.68
C MET A 156 -6.88 10.80 -2.73
N HIS A 157 -6.99 10.16 -3.91
CA HIS A 157 -7.91 10.64 -4.94
C HIS A 157 -9.34 10.27 -4.54
N ILE A 158 -10.23 11.21 -4.78
CA ILE A 158 -11.66 11.08 -4.49
C ILE A 158 -12.41 11.28 -5.81
N VAL A 159 -13.08 10.22 -6.26
CA VAL A 159 -13.96 10.33 -7.45
C VAL A 159 -15.20 9.53 -7.13
N GLN A 160 -16.31 9.90 -7.77
CA GLN A 160 -17.61 9.29 -7.51
C GLN A 160 -18.23 8.86 -8.86
N SER A 161 -18.92 7.73 -8.82
CA SER A 161 -19.64 7.27 -9.99
C SER A 161 -20.63 8.31 -10.46
N PRO A 162 -20.95 8.36 -11.77
CA PRO A 162 -21.94 9.34 -12.25
C PRO A 162 -23.26 9.32 -11.52
N ASP A 163 -23.69 8.15 -11.10
CA ASP A 163 -24.99 8.01 -10.42
C ASP A 163 -24.94 8.33 -8.96
N GLY A 164 -23.76 8.63 -8.42
CA GLY A 164 -23.63 9.07 -7.03
C GLY A 164 -23.52 7.98 -6.03
N THR A 165 -23.65 6.75 -6.43
CA THR A 165 -23.78 5.64 -5.49
C THR A 165 -22.49 5.07 -4.94
N TRP A 166 -21.38 5.38 -5.55
CA TRP A 166 -20.06 4.87 -5.12
C TRP A 166 -19.08 6.00 -5.16
N THR A 167 -18.47 6.27 -3.99
CA THR A 167 -17.37 7.24 -3.88
C THR A 167 -16.10 6.46 -3.52
N ASN A 168 -15.14 6.51 -4.44
CA ASN A 168 -13.91 5.76 -4.24
C ASN A 168 -12.81 6.66 -3.72
N TRP A 169 -12.02 6.10 -2.77
CA TRP A 169 -10.78 6.72 -2.26
C TRP A 169 -9.62 5.77 -2.60
N SER A 170 -8.61 6.30 -3.25
CA SER A 170 -7.48 5.45 -3.63
C SER A 170 -6.22 6.27 -3.81
N ILE A 171 -5.07 5.61 -3.63
CA ILE A 171 -3.77 6.21 -3.98
C ILE A 171 -3.43 5.80 -5.43
N ALA A 172 -3.06 6.78 -6.23
CA ALA A 172 -2.44 6.60 -7.55
C ALA A 172 -1.49 7.75 -7.76
N ARG A 173 -0.31 7.51 -8.32
CA ARG A 173 0.68 8.55 -8.41
C ARG A 173 0.25 9.67 -9.34
N ALA A 174 0.76 10.87 -9.09
CA ALA A 174 0.57 11.97 -10.00
C ALA A 174 1.70 13.00 -9.84
N MET A 175 2.00 13.66 -10.94
CA MET A 175 3.09 14.63 -10.99
C MET A 175 2.57 15.94 -11.58
N VAL A 176 3.28 17.02 -11.28
CA VAL A 176 2.91 18.35 -11.80
C VAL A 176 3.21 18.39 -13.33
N HIS A 177 2.19 18.80 -14.10
CA HIS A 177 2.29 19.04 -15.55
C HIS A 177 2.54 20.52 -15.82
N ASP A 178 1.77 21.40 -15.23
CA ASP A 178 1.96 22.85 -15.39
C ASP A 178 1.32 23.54 -14.19
N LYS A 179 1.16 24.85 -14.30
CA LYS A 179 0.69 25.65 -13.16
C LYS A 179 -0.61 25.16 -12.56
N ASN A 180 -1.47 24.54 -13.35
CA ASN A 180 -2.79 24.15 -12.86
C ASN A 180 -3.19 22.75 -13.33
N HIS A 181 -2.24 21.87 -13.66
CA HIS A 181 -2.58 20.50 -14.05
C HIS A 181 -1.57 19.52 -13.46
N LEU A 182 -2.08 18.31 -13.23
CA LEU A 182 -1.24 17.13 -12.93
C LEU A 182 -1.43 16.11 -14.08
N THR A 183 -0.46 15.22 -14.22
CA THR A 183 -0.67 13.98 -14.95
C THR A 183 -0.45 12.84 -14.00
N GLY A 184 -1.10 11.71 -14.24
CA GLY A 184 -0.92 10.57 -13.36
C GLY A 184 -1.37 9.28 -13.99
N LEU A 185 -1.12 8.17 -13.28
N LEU A 185 -1.19 8.21 -13.26
CA LEU A 185 -1.60 6.84 -13.66
CA LEU A 185 -1.43 6.83 -13.71
C LEU A 185 -3.05 6.66 -13.33
C LEU A 185 -2.87 6.46 -13.35
N VAL A 186 -3.74 6.25 -14.38
CA VAL A 186 -5.14 5.85 -14.25
C VAL A 186 -5.27 4.60 -15.15
N ILE A 187 -5.16 3.42 -14.58
CA ILE A 187 -4.98 2.20 -15.37
C ILE A 187 -5.92 1.12 -14.88
N PRO A 188 -6.36 0.24 -15.81
CA PRO A 188 -7.22 -0.85 -15.39
C PRO A 188 -6.43 -1.84 -14.56
N PRO A 189 -7.05 -2.53 -13.59
CA PRO A 189 -8.47 -2.54 -13.27
C PRO A 189 -8.84 -1.60 -12.11
N GLN A 190 -7.99 -0.57 -11.87
CA GLN A 190 -8.08 0.20 -10.65
C GLN A 190 -9.41 0.94 -10.61
N HIS A 191 -9.93 1.20 -9.40
CA HIS A 191 -11.24 1.86 -9.29
C HIS A 191 -11.25 3.26 -9.82
N ILE A 192 -10.15 4.02 -9.73
CA ILE A 192 -10.15 5.34 -10.33
C ILE A 192 -10.37 5.21 -11.84
N TRP A 193 -9.77 4.21 -12.46
CA TRP A 193 -9.98 3.90 -13.88
C TRP A 193 -11.40 3.44 -14.14
N GLN A 194 -11.92 2.54 -13.32
CA GLN A 194 -13.29 2.08 -13.54
C GLN A 194 -14.29 3.22 -13.54
N ILE A 195 -14.13 4.13 -12.57
CA ILE A 195 -15.03 5.29 -12.48
C ILE A 195 -14.77 6.22 -13.62
N HIS A 196 -13.54 6.49 -13.99
N HIS A 196 -13.53 6.50 -13.98
CA HIS A 196 -13.26 7.31 -15.14
CA HIS A 196 -13.17 7.27 -15.17
C HIS A 196 -13.99 6.77 -16.37
C HIS A 196 -13.94 6.78 -16.40
N GLN A 197 -13.97 5.46 -16.57
CA GLN A 197 -14.62 4.85 -17.74
C GLN A 197 -16.12 5.13 -17.71
N MET A 198 -16.71 5.11 -16.52
CA MET A 198 -18.13 5.42 -16.45
C MET A 198 -18.43 6.82 -16.96
N TRP A 199 -17.64 7.78 -16.54
CA TRP A 199 -17.81 9.18 -16.98
C TRP A 199 -17.52 9.29 -18.49
N LYS A 200 -16.54 8.57 -18.96
N LYS A 200 -16.49 8.61 -18.98
CA LYS A 200 -16.24 8.65 -20.39
CA LYS A 200 -16.21 8.63 -20.44
C LYS A 200 -17.37 8.09 -21.24
C LYS A 200 -17.41 8.14 -21.21
N LYS A 201 -18.01 7.02 -20.80
CA LYS A 201 -19.14 6.45 -21.55
C LYS A 201 -20.30 7.39 -21.48
N GLU A 202 -20.56 8.08 -20.36
CA GLU A 202 -21.62 9.07 -20.30
C GLU A 202 -21.30 10.24 -21.23
N GLY A 203 -20.03 10.63 -21.33
CA GLY A 203 -19.57 11.57 -22.36
C GLY A 203 -19.86 13.01 -22.16
N ARG A 204 -20.49 13.44 -21.07
CA ARG A 204 -21.00 14.80 -20.89
C ARG A 204 -19.99 15.71 -20.22
N SER A 205 -19.26 15.26 -19.21
N SER A 205 -19.21 15.17 -19.30
CA SER A 205 -18.31 16.16 -18.53
CA SER A 205 -18.50 15.95 -18.25
C SER A 205 -17.13 15.38 -18.04
C SER A 205 -17.15 15.34 -17.97
N ASP A 206 -16.13 16.18 -17.72
CA ASP A 206 -14.95 15.71 -16.98
C ASP A 206 -15.38 15.19 -15.60
N VAL A 207 -14.52 14.40 -15.00
CA VAL A 207 -14.89 13.79 -13.73
C VAL A 207 -14.65 14.78 -12.59
N PRO A 208 -15.65 15.13 -11.76
CA PRO A 208 -15.37 15.91 -10.56
C PRO A 208 -14.35 15.13 -9.72
N TRP A 209 -13.39 15.86 -9.16
CA TRP A 209 -12.26 15.20 -8.51
C TRP A 209 -11.77 16.03 -7.37
N ALA A 210 -11.25 15.37 -6.37
CA ALA A 210 -10.45 16.01 -5.33
C ALA A 210 -9.29 15.07 -4.99
N LEU A 211 -8.22 15.65 -4.52
CA LEU A 211 -7.05 14.90 -4.02
C LEU A 211 -6.68 15.51 -2.68
N ALA A 212 -6.80 14.68 -1.67
CA ALA A 212 -6.57 15.10 -0.28
C ALA A 212 -5.30 14.46 0.28
N PHE A 213 -4.42 15.30 0.77
CA PHE A 213 -3.15 14.87 1.32
C PHE A 213 -3.19 15.01 2.83
N GLY A 214 -2.52 14.09 3.54
CA GLY A 214 -2.58 14.15 5.00
C GLY A 214 -3.96 13.91 5.52
N VAL A 215 -4.60 12.86 5.00
CA VAL A 215 -5.92 12.43 5.43
C VAL A 215 -5.80 11.60 6.69
N PRO A 216 -6.96 11.26 7.30
CA PRO A 216 -6.92 10.35 8.44
C PRO A 216 -6.15 9.11 8.08
N PRO A 217 -5.21 8.69 8.92
CA PRO A 217 -4.40 7.52 8.60
C PRO A 217 -5.23 6.28 8.30
N ALA A 218 -6.33 6.07 9.02
CA ALA A 218 -7.09 4.84 8.72
C ALA A 218 -7.64 4.94 7.29
N ALA A 219 -7.95 6.13 6.81
CA ALA A 219 -8.42 6.33 5.45
C ALA A 219 -7.36 6.08 4.41
N ILE A 220 -6.10 6.50 4.63
CA ILE A 220 -5.06 6.23 3.64
C ILE A 220 -4.78 4.75 3.55
N MET A 221 -4.90 4.02 4.66
N MET A 221 -4.94 4.00 4.64
CA MET A 221 -4.77 2.55 4.60
CA MET A 221 -4.78 2.54 4.57
C MET A 221 -5.82 1.97 3.66
C MET A 221 -5.85 1.90 3.69
N ALA A 222 -7.10 2.30 3.87
CA ALA A 222 -8.15 1.75 3.00
C ALA A 222 -7.95 2.22 1.57
N SER A 223 -7.42 3.41 1.37
CA SER A 223 -7.14 3.93 0.02
C SER A 223 -6.16 3.05 -0.72
N SER A 224 -5.28 2.36 0.01
N SER A 224 -5.26 2.35 -0.01
CA SER A 224 -4.25 1.49 -0.52
CA SER A 224 -4.26 1.46 -0.59
C SER A 224 -4.68 0.04 -0.66
C SER A 224 -4.69 0.02 -0.68
N MET A 225 -5.91 -0.29 -0.27
CA MET A 225 -6.38 -1.67 -0.20
C MET A 225 -7.42 -1.92 -1.31
N PRO A 226 -7.38 -3.09 -1.93
CA PRO A 226 -8.36 -3.39 -3.00
C PRO A 226 -9.66 -3.94 -2.41
N ILE A 227 -10.36 -3.12 -1.63
CA ILE A 227 -11.71 -3.49 -1.18
C ILE A 227 -12.61 -3.60 -2.43
N PRO A 228 -13.77 -4.24 -2.31
CA PRO A 228 -14.51 -4.60 -3.51
C PRO A 228 -14.99 -3.43 -4.34
N ASP A 229 -15.27 -3.78 -5.62
CA ASP A 229 -15.93 -2.88 -6.54
C ASP A 229 -17.21 -2.34 -5.92
N GLY A 230 -17.49 -1.08 -6.11
CA GLY A 230 -18.75 -0.50 -5.66
C GLY A 230 -18.80 -0.14 -4.19
N VAL A 231 -17.76 -0.44 -3.42
CA VAL A 231 -17.78 -0.18 -1.98
C VAL A 231 -17.10 1.15 -1.70
N THR A 232 -17.83 2.04 -1.07
CA THR A 232 -17.34 3.35 -0.72
C THR A 232 -16.37 3.23 0.45
N GLU A 233 -15.10 3.59 0.23
CA GLU A 233 -14.08 3.44 1.28
C GLU A 233 -14.51 4.18 2.53
N ALA A 234 -15.12 5.35 2.46
CA ALA A 234 -15.42 6.11 3.69
C ALA A 234 -16.22 5.26 4.68
N GLY A 235 -17.22 4.54 4.20
CA GLY A 235 -18.07 3.73 5.08
C GLY A 235 -17.40 2.51 5.60
N TYR A 236 -16.44 1.96 4.81
CA TYR A 236 -15.62 0.82 5.24
C TYR A 236 -14.70 1.26 6.39
N VAL A 237 -14.03 2.40 6.21
CA VAL A 237 -13.19 2.96 7.27
C VAL A 237 -14.03 3.26 8.50
N GLY A 238 -15.23 3.81 8.31
CA GLY A 238 -16.09 4.06 9.44
C GLY A 238 -16.35 2.79 10.23
N ALA A 239 -16.73 1.71 9.52
CA ALA A 239 -16.98 0.44 10.21
C ALA A 239 -15.73 -0.09 10.88
N MET A 240 -14.58 -0.03 10.21
N MET A 240 -14.59 -0.01 10.18
CA MET A 240 -13.33 -0.57 10.79
CA MET A 240 -13.29 -0.52 10.67
C MET A 240 -13.02 0.15 12.11
C MET A 240 -12.90 0.16 11.98
N THR A 241 -13.14 1.46 12.10
CA THR A 241 -12.73 2.29 13.23
C THR A 241 -13.84 2.40 14.28
N GLY A 242 -15.07 2.05 13.93
CA GLY A 242 -16.23 2.25 14.82
C GLY A 242 -16.68 3.65 14.88
N SER A 243 -16.27 4.52 14.00
CA SER A 243 -16.56 5.97 14.02
C SER A 243 -16.90 6.47 12.68
N SER A 244 -17.94 7.27 12.52
CA SER A 244 -18.24 7.95 11.28
C SER A 244 -17.20 9.03 10.97
N LEU A 245 -16.60 8.96 9.80
CA LEU A 245 -15.61 9.97 9.44
C LEU A 245 -16.27 11.30 9.16
N GLU A 246 -15.69 12.40 9.66
CA GLU A 246 -16.18 13.75 9.41
C GLU A 246 -15.59 14.29 8.12
N LEU A 247 -16.48 14.67 7.24
CA LEU A 247 -16.12 15.21 5.93
C LEU A 247 -16.71 16.59 5.73
N VAL A 248 -15.97 17.46 5.07
N VAL A 248 -16.07 17.35 4.88
CA VAL A 248 -16.44 18.81 4.61
CA VAL A 248 -16.54 18.72 4.54
C VAL A 248 -16.62 18.79 3.09
C VAL A 248 -16.56 18.87 3.03
N LYS A 249 -17.57 19.58 2.56
CA LYS A 249 -17.72 19.73 1.11
C LYS A 249 -16.57 20.52 0.55
N CYS A 250 -16.15 20.12 -0.65
CA CYS A 250 -15.27 20.96 -1.46
C CYS A 250 -15.94 22.32 -1.71
N ASP A 251 -15.14 23.31 -1.99
CA ASP A 251 -15.68 24.63 -2.32
C ASP A 251 -16.19 24.71 -3.75
N THR A 252 -15.55 24.04 -4.68
CA THR A 252 -15.84 24.19 -6.11
C THR A 252 -16.53 22.99 -6.70
N ASN A 253 -16.81 21.94 -5.94
CA ASN A 253 -17.61 20.81 -6.42
C ASN A 253 -18.32 20.22 -5.24
N ASP A 254 -19.11 19.17 -5.46
CA ASP A 254 -19.93 18.58 -4.41
C ASP A 254 -19.34 17.30 -3.85
N LEU A 255 -18.03 17.08 -4.06
CA LEU A 255 -17.33 16.00 -3.34
C LEU A 255 -17.04 16.43 -1.88
N TYR A 256 -16.76 15.45 -1.07
CA TYR A 256 -16.50 15.63 0.35
C TYR A 256 -15.11 15.10 0.74
N VAL A 257 -14.37 15.89 1.47
CA VAL A 257 -13.02 15.53 1.86
C VAL A 257 -12.94 15.43 3.36
N PRO A 258 -11.96 14.68 3.90
CA PRO A 258 -11.83 14.64 5.36
C PRO A 258 -11.59 16.03 5.92
N ALA A 259 -12.29 16.34 7.02
CA ALA A 259 -12.25 17.67 7.60
C ALA A 259 -10.86 18.09 8.01
N THR A 260 -10.01 17.18 8.46
CA THR A 260 -8.66 17.48 8.92
C THR A 260 -7.58 17.27 7.86
N SER A 261 -7.98 17.11 6.58
CA SER A 261 -6.97 16.97 5.53
C SER A 261 -5.96 18.11 5.62
N GLU A 262 -4.68 17.78 5.43
CA GLU A 262 -3.65 18.81 5.44
C GLU A 262 -3.73 19.74 4.24
N ILE A 263 -3.94 19.16 3.05
CA ILE A 263 -3.97 19.89 1.79
C ILE A 263 -5.01 19.23 0.89
N VAL A 264 -5.82 20.03 0.24
CA VAL A 264 -6.83 19.55 -0.69
C VAL A 264 -6.68 20.24 -2.03
N LEU A 265 -6.61 19.45 -3.09
CA LEU A 265 -6.74 19.98 -4.46
C LEU A 265 -8.15 19.64 -4.92
N GLU A 266 -8.84 20.60 -5.54
CA GLU A 266 -10.17 20.40 -6.11
C GLU A 266 -10.09 20.63 -7.62
N GLY A 267 -10.75 19.80 -8.42
CA GLY A 267 -10.77 20.09 -9.86
C GLY A 267 -11.45 18.99 -10.60
N THR A 268 -10.87 18.64 -11.74
CA THR A 268 -11.47 17.64 -12.65
C THR A 268 -10.39 16.70 -13.18
N LEU A 269 -10.82 15.46 -13.40
CA LEU A 269 -10.02 14.46 -14.13
C LEU A 269 -10.61 14.37 -15.54
N SER A 270 -9.79 14.68 -16.54
CA SER A 270 -10.33 14.84 -17.92
C SER A 270 -10.79 13.49 -18.44
N ILE A 271 -11.92 13.52 -19.16
CA ILE A 271 -12.34 12.32 -19.95
C ILE A 271 -11.79 12.39 -21.35
N SER A 272 -11.04 13.39 -21.73
CA SER A 272 -10.49 13.50 -23.09
C SER A 272 -8.97 13.74 -23.16
N GLU A 273 -8.39 14.49 -22.24
CA GLU A 273 -7.00 15.01 -22.36
C GLU A 273 -6.07 14.01 -21.70
N THR A 274 -4.86 13.98 -22.20
CA THR A 274 -3.73 13.26 -21.62
C THR A 274 -2.52 14.17 -21.60
N GLY A 275 -1.48 13.74 -20.92
CA GLY A 275 -0.21 14.43 -21.03
C GLY A 275 0.93 13.52 -20.60
N PRO A 276 2.17 13.95 -20.82
CA PRO A 276 3.30 13.17 -20.44
C PRO A 276 3.30 12.81 -18.97
N GLU A 277 3.58 11.56 -18.66
CA GLU A 277 3.59 11.07 -17.29
C GLU A 277 4.73 10.10 -17.15
N GLY A 278 5.46 10.18 -16.05
CA GLY A 278 6.59 9.33 -15.82
C GLY A 278 7.80 9.75 -16.64
N PRO A 279 8.89 9.00 -16.54
CA PRO A 279 9.03 7.79 -15.72
C PRO A 279 9.11 8.14 -14.23
N PHE A 280 8.98 7.13 -13.43
CA PHE A 280 8.99 7.27 -11.98
C PHE A 280 9.68 6.07 -11.36
N GLY A 281 10.52 6.33 -10.36
CA GLY A 281 11.11 5.25 -9.59
C GLY A 281 10.06 4.53 -8.78
N GLU A 282 9.81 3.30 -9.12
N GLU A 282 9.84 3.28 -9.09
N GLU A 282 9.78 3.30 -9.16
CA GLU A 282 8.58 2.57 -8.77
CA GLU A 282 8.63 2.58 -8.68
CA GLU A 282 8.56 2.55 -8.79
C GLU A 282 8.86 1.44 -7.78
C GLU A 282 8.88 1.43 -7.73
C GLU A 282 8.85 1.46 -7.76
N MET A 283 7.76 0.83 -7.30
CA MET A 283 7.72 -0.09 -6.17
C MET A 283 8.61 -1.30 -6.34
N HIS A 284 8.94 -1.69 -7.56
CA HIS A 284 9.78 -2.86 -7.75
C HIS A 284 11.25 -2.54 -7.71
N GLY A 285 11.60 -1.24 -7.61
CA GLY A 285 12.98 -0.84 -7.46
C GLY A 285 13.63 -0.27 -8.68
N TYR A 286 12.89 0.17 -9.67
CA TYR A 286 13.47 0.58 -10.96
C TYR A 286 12.90 1.88 -11.45
N ILE A 287 13.69 2.55 -12.27
CA ILE A 287 13.20 3.58 -13.17
C ILE A 287 13.87 3.35 -14.53
N PHE A 288 13.11 3.54 -15.59
CA PHE A 288 13.58 3.44 -16.98
C PHE A 288 13.65 4.86 -17.52
N PRO A 289 14.83 5.53 -17.40
N PRO A 289 14.84 5.53 -17.51
CA PRO A 289 14.89 6.94 -17.74
CA PRO A 289 14.90 6.96 -17.84
C PRO A 289 14.43 7.21 -19.15
C PRO A 289 14.33 7.38 -19.18
N GLY A 290 13.72 8.33 -19.31
N GLY A 290 14.28 6.46 -20.14
CA GLY A 290 13.18 8.63 -20.64
CA GLY A 290 13.87 6.77 -21.52
C GLY A 290 11.90 7.85 -21.03
C GLY A 290 12.37 6.66 -21.67
N ASP A 291 11.58 6.59 -20.54
CA ASP A 291 10.25 6.09 -20.90
C ASP A 291 9.39 7.28 -21.22
N THR A 292 8.53 7.16 -22.24
CA THR A 292 7.73 8.33 -22.66
C THR A 292 6.32 7.94 -22.64
N HIS A 293 5.70 7.81 -21.41
CA HIS A 293 4.20 7.45 -21.53
C HIS A 293 3.27 8.67 -21.38
N LEU A 294 2.07 8.55 -21.92
CA LEU A 294 0.94 9.48 -21.69
C LEU A 294 0.13 8.95 -20.50
N GLY A 295 -0.28 9.89 -19.70
CA GLY A 295 -1.16 9.59 -18.57
C GLY A 295 -2.38 10.48 -18.56
N ALA A 296 -3.27 10.18 -17.63
CA ALA A 296 -4.47 10.97 -17.39
C ALA A 296 -4.04 12.37 -16.94
N LYS A 297 -4.88 13.33 -17.24
CA LYS A 297 -4.62 14.75 -16.95
C LYS A 297 -5.71 15.31 -16.02
N TYR A 298 -5.26 15.91 -14.93
CA TYR A 298 -6.10 16.51 -13.93
C TYR A 298 -5.97 18.02 -13.96
N LYS A 299 -7.06 18.75 -13.89
CA LYS A 299 -7.05 20.20 -13.76
C LYS A 299 -7.35 20.59 -12.30
N VAL A 300 -6.50 21.46 -11.77
CA VAL A 300 -6.69 21.93 -10.38
C VAL A 300 -7.31 23.30 -10.43
N ASN A 301 -8.46 23.47 -9.78
CA ASN A 301 -9.17 24.75 -9.71
C ASN A 301 -9.01 25.47 -8.39
N ARG A 302 -8.68 24.76 -7.33
CA ARG A 302 -8.62 25.34 -5.98
C ARG A 302 -7.70 24.50 -5.12
N ILE A 303 -7.00 25.16 -4.22
CA ILE A 303 -6.23 24.49 -3.14
C ILE A 303 -6.77 24.99 -1.82
N THR A 304 -7.07 24.11 -0.89
CA THR A 304 -7.30 24.51 0.50
C THR A 304 -6.32 23.79 1.39
N TYR A 305 -5.99 24.35 2.54
CA TYR A 305 -4.97 23.68 3.37
C TYR A 305 -5.01 24.18 4.80
N ARG A 306 -4.52 23.32 5.68
CA ARG A 306 -4.30 23.66 7.07
C ARG A 306 -3.18 24.67 7.22
N ASN A 307 -3.28 25.51 8.27
CA ASN A 307 -2.07 26.25 8.70
C ASN A 307 -0.93 25.21 8.92
N ASN A 308 0.24 25.60 8.47
CA ASN A 308 1.46 24.79 8.68
C ASN A 308 1.28 23.36 8.09
N ALA A 309 0.66 23.31 6.92
CA ALA A 309 0.33 22.04 6.26
C ALA A 309 1.54 21.14 6.10
N ILE A 310 1.28 19.87 6.25
CA ILE A 310 2.28 18.81 6.04
C ILE A 310 1.82 17.88 4.91
N MET A 311 2.71 17.75 3.92
CA MET A 311 2.53 16.81 2.77
C MET A 311 3.25 15.49 3.11
N PRO A 312 2.54 14.36 3.21
CA PRO A 312 3.24 13.09 3.31
C PRO A 312 3.82 12.69 1.96
N MET A 313 4.94 11.99 1.97
CA MET A 313 5.67 11.58 0.77
C MET A 313 6.20 10.18 0.94
N SER A 314 6.03 9.37 -0.10
CA SER A 314 6.68 8.05 -0.19
C SER A 314 7.84 8.13 -1.17
N SER A 315 9.06 7.95 -0.66
CA SER A 315 10.25 7.87 -1.52
C SER A 315 10.44 6.41 -1.87
N CYS A 316 9.72 5.97 -2.88
CA CYS A 316 9.55 4.51 -3.11
C CYS A 316 10.64 3.94 -4.01
N GLY A 317 10.83 2.64 -3.88
CA GLY A 317 11.82 1.94 -4.69
C GLY A 317 12.17 0.61 -4.06
N ARG A 318 13.49 0.39 -3.90
CA ARG A 318 13.96 -0.80 -3.23
C ARG A 318 13.52 -0.84 -1.77
N LEU A 319 13.55 -2.04 -1.17
CA LEU A 319 12.99 -2.27 0.15
C LEU A 319 13.53 -1.26 1.18
N THR A 320 12.70 -0.83 2.17
CA THR A 320 11.30 -1.14 2.35
C THR A 320 10.53 0.18 2.53
N ASP A 321 9.44 0.33 1.79
CA ASP A 321 8.63 1.54 1.89
C ASP A 321 7.15 1.17 1.81
N GLU A 322 6.31 2.22 1.72
CA GLU A 322 4.86 2.06 1.70
C GLU A 322 4.37 1.20 0.56
N THR A 323 5.10 1.19 -0.55
N THR A 323 5.06 1.22 -0.56
CA THR A 323 4.68 0.36 -1.70
CA THR A 323 4.61 0.36 -1.68
C THR A 323 4.86 -1.08 -1.40
C THR A 323 4.64 -1.08 -1.18
N HIS A 324 5.60 -1.44 -0.38
CA HIS A 324 5.76 -2.85 0.03
C HIS A 324 4.88 -3.16 1.20
N THR A 325 4.97 -2.30 2.22
CA THR A 325 4.24 -2.55 3.47
C THR A 325 2.74 -2.47 3.26
N MET A 326 2.29 -1.55 2.43
CA MET A 326 0.87 -1.29 2.22
C MET A 326 0.36 -1.97 0.99
N ILE A 327 0.96 -1.75 -0.20
CA ILE A 327 0.40 -2.38 -1.41
C ILE A 327 0.41 -3.87 -1.27
N GLY A 328 1.58 -4.43 -0.94
CA GLY A 328 1.70 -5.88 -0.87
C GLY A 328 0.83 -6.49 0.20
N SER A 329 0.93 -5.95 1.41
CA SER A 329 0.26 -6.59 2.52
C SER A 329 -1.24 -6.50 2.40
N LEU A 330 -1.72 -5.34 1.96
CA LEU A 330 -3.18 -5.13 1.86
C LEU A 330 -3.77 -5.95 0.72
N ALA A 331 -3.03 -6.10 -0.38
CA ALA A 331 -3.47 -7.01 -1.46
C ALA A 331 -3.51 -8.44 -0.92
N ALA A 332 -2.47 -8.84 -0.16
CA ALA A 332 -2.49 -10.18 0.42
C ALA A 332 -3.70 -10.41 1.33
N ALA A 333 -4.02 -9.39 2.14
CA ALA A 333 -5.19 -9.51 3.03
C ALA A 333 -6.47 -9.79 2.22
N GLU A 334 -6.67 -8.97 1.20
CA GLU A 334 -7.87 -9.13 0.35
C GLU A 334 -7.86 -10.49 -0.35
N ILE A 335 -6.72 -10.96 -0.78
CA ILE A 335 -6.61 -12.26 -1.43
C ILE A 335 -6.96 -13.35 -0.43
N ARG A 336 -6.53 -13.25 0.84
CA ARG A 336 -6.91 -14.23 1.84
C ARG A 336 -8.41 -14.32 1.96
N LYS A 337 -9.07 -13.19 2.09
CA LYS A 337 -10.54 -13.14 2.21
C LYS A 337 -11.20 -13.72 0.96
N LEU A 338 -10.74 -13.30 -0.21
CA LEU A 338 -11.28 -13.77 -1.48
C LEU A 338 -11.21 -15.31 -1.56
N CYS A 339 -10.07 -15.88 -1.18
CA CYS A 339 -9.94 -17.32 -1.19
C CYS A 339 -10.96 -17.96 -0.27
N GLN A 340 -11.09 -17.44 0.94
CA GLN A 340 -12.04 -18.01 1.92
C GLN A 340 -13.48 -17.90 1.42
N GLN A 341 -13.80 -16.80 0.77
CA GLN A 341 -15.14 -16.60 0.24
C GLN A 341 -15.44 -17.58 -0.92
N ASN A 342 -14.42 -18.12 -1.54
CA ASN A 342 -14.50 -19.08 -2.63
C ASN A 342 -14.33 -20.50 -2.10
N ASP A 343 -14.44 -20.69 -0.78
CA ASP A 343 -14.42 -22.00 -0.12
C ASP A 343 -13.07 -22.68 -0.28
N LEU A 344 -11.99 -21.89 -0.41
CA LEU A 344 -10.63 -22.42 -0.43
C LEU A 344 -10.07 -22.39 0.97
N PRO A 345 -9.36 -23.41 1.39
CA PRO A 345 -8.92 -23.57 2.81
C PRO A 345 -7.66 -22.78 3.15
N ILE A 346 -7.71 -21.47 2.94
CA ILE A 346 -6.58 -20.57 3.15
C ILE A 346 -6.78 -19.88 4.50
N THR A 347 -5.77 -19.94 5.35
CA THR A 347 -5.85 -19.30 6.66
C THR A 347 -5.16 -17.93 6.70
N ASP A 348 -4.14 -17.74 5.91
CA ASP A 348 -3.25 -16.55 6.02
C ASP A 348 -2.67 -16.29 4.64
N ALA A 349 -2.36 -15.04 4.38
CA ALA A 349 -1.68 -14.64 3.17
C ALA A 349 -0.75 -13.45 3.49
N PHE A 350 0.39 -13.42 2.80
CA PHE A 350 1.31 -12.30 2.93
C PHE A 350 2.13 -12.20 1.68
N ALA A 351 2.53 -11.01 1.28
CA ALA A 351 3.41 -10.79 0.13
C ALA A 351 4.84 -10.67 0.64
N PRO A 352 5.70 -11.67 0.49
CA PRO A 352 7.04 -11.56 1.08
C PRO A 352 7.79 -10.37 0.56
N PHE A 353 8.42 -9.62 1.46
CA PHE A 353 9.24 -8.51 1.02
C PHE A 353 10.33 -8.97 0.08
N GLU A 354 10.91 -10.14 0.32
CA GLU A 354 12.01 -10.66 -0.48
C GLU A 354 11.64 -10.81 -1.96
N SER A 355 10.34 -11.03 -2.19
CA SER A 355 9.81 -11.14 -3.57
C SER A 355 9.54 -9.80 -4.21
N GLN A 356 9.91 -8.72 -3.53
CA GLN A 356 9.54 -7.38 -4.01
C GLN A 356 8.02 -7.25 -4.13
N VAL A 357 7.33 -7.92 -3.15
CA VAL A 357 5.88 -8.02 -3.06
C VAL A 357 5.21 -8.43 -4.37
N THR A 358 5.88 -9.26 -5.17
CA THR A 358 5.30 -9.83 -6.38
C THR A 358 4.77 -11.23 -6.14
N TRP A 359 5.12 -11.85 -5.02
CA TRP A 359 4.56 -13.12 -4.63
C TRP A 359 3.57 -12.90 -3.50
N VAL A 360 2.60 -13.82 -3.38
CA VAL A 360 1.83 -13.97 -2.15
C VAL A 360 1.90 -15.42 -1.74
N ALA A 361 2.29 -15.65 -0.49
CA ALA A 361 2.28 -16.97 0.11
C ALA A 361 0.96 -17.18 0.80
N LEU A 362 0.34 -18.31 0.49
CA LEU A 362 -0.99 -18.69 1.00
C LEU A 362 -0.84 -19.91 1.90
N ARG A 363 -1.12 -19.71 3.18
CA ARG A 363 -1.06 -20.81 4.15
C ARG A 363 -2.37 -21.62 4.11
N VAL A 364 -2.23 -22.91 3.92
CA VAL A 364 -3.34 -23.84 3.72
C VAL A 364 -3.64 -24.56 5.01
N ASP A 365 -4.92 -24.65 5.35
CA ASP A 365 -5.40 -25.54 6.43
C ASP A 365 -5.45 -26.95 5.80
N THR A 366 -4.42 -27.73 6.06
CA THR A 366 -4.25 -29.00 5.33
C THR A 366 -5.24 -30.06 5.82
N GLU A 367 -5.77 -29.94 7.02
CA GLU A 367 -6.87 -30.85 7.43
C GLU A 367 -8.05 -30.65 6.47
N LYS A 368 -8.40 -29.41 6.22
CA LYS A 368 -9.50 -29.15 5.26
C LYS A 368 -9.08 -29.57 3.85
N LEU A 369 -7.83 -29.33 3.47
CA LEU A 369 -7.38 -29.77 2.14
C LEU A 369 -7.56 -31.28 2.01
N ARG A 370 -7.16 -32.03 3.01
CA ARG A 370 -7.28 -33.50 2.94
C ARG A 370 -8.70 -33.93 2.70
N ALA A 371 -9.65 -33.24 3.32
CA ALA A 371 -11.06 -33.64 3.18
C ALA A 371 -11.56 -33.35 1.77
N MET A 372 -10.92 -32.47 1.04
CA MET A 372 -11.30 -32.14 -0.33
C MET A 372 -10.93 -33.27 -1.29
N LYS A 373 -10.01 -34.17 -0.92
CA LYS A 373 -9.63 -35.32 -1.77
C LYS A 373 -9.31 -34.85 -3.18
N THR A 374 -8.35 -33.93 -3.26
CA THR A 374 -7.95 -33.33 -4.53
C THR A 374 -6.46 -33.57 -4.79
N THR A 375 -5.96 -32.93 -5.81
CA THR A 375 -4.58 -33.08 -6.22
C THR A 375 -3.96 -31.74 -6.43
N SER A 376 -2.63 -31.71 -6.50
CA SER A 376 -1.92 -30.43 -6.72
C SER A 376 -2.40 -29.73 -7.99
N GLU A 377 -2.43 -30.43 -9.12
N GLU A 377 -2.47 -30.44 -9.10
CA GLU A 377 -2.81 -29.79 -10.38
CA GLU A 377 -2.74 -29.69 -10.32
C GLU A 377 -4.19 -29.17 -10.23
C GLU A 377 -4.18 -29.21 -10.33
N GLY A 378 -5.13 -29.93 -9.72
CA GLY A 378 -6.47 -29.38 -9.62
C GLY A 378 -6.55 -28.21 -8.67
N PHE A 379 -5.92 -28.33 -7.51
CA PHE A 379 -6.00 -27.29 -6.49
C PHE A 379 -5.27 -26.01 -6.94
N ARG A 380 -4.10 -26.17 -7.56
CA ARG A 380 -3.40 -24.98 -8.07
C ARG A 380 -4.19 -24.23 -9.08
N LYS A 381 -4.86 -24.96 -9.97
CA LYS A 381 -5.68 -24.34 -10.99
C LYS A 381 -6.84 -23.57 -10.34
N ARG A 382 -7.48 -24.20 -9.37
CA ARG A 382 -8.61 -23.55 -8.71
C ARG A 382 -8.18 -22.25 -8.01
N VAL A 383 -7.07 -22.30 -7.28
CA VAL A 383 -6.59 -21.11 -6.56
C VAL A 383 -6.19 -20.04 -7.56
N GLY A 384 -5.44 -20.39 -8.60
CA GLY A 384 -5.03 -19.38 -9.54
C GLY A 384 -6.20 -18.79 -10.25
N ASP A 385 -7.20 -19.57 -10.65
CA ASP A 385 -8.37 -19.01 -11.29
C ASP A 385 -9.06 -17.98 -10.41
N VAL A 386 -9.25 -18.31 -9.15
CA VAL A 386 -9.91 -17.36 -8.24
C VAL A 386 -9.10 -16.10 -8.15
N VAL A 387 -7.81 -16.20 -7.86
CA VAL A 387 -7.03 -15.01 -7.52
C VAL A 387 -6.66 -14.21 -8.76
N PHE A 388 -6.15 -14.88 -9.79
CA PHE A 388 -5.61 -14.13 -10.93
C PHE A 388 -6.71 -13.58 -11.86
N ASN A 389 -7.94 -14.04 -11.69
CA ASN A 389 -9.07 -13.46 -12.43
C ASN A 389 -9.71 -12.32 -11.66
N HIS A 390 -9.24 -11.99 -10.48
CA HIS A 390 -9.83 -10.97 -9.64
C HIS A 390 -8.89 -9.76 -9.56
N LYS A 391 -9.44 -8.58 -9.36
CA LYS A 391 -8.68 -7.37 -9.16
C LYS A 391 -7.71 -7.48 -7.97
N ALA A 392 -8.08 -8.16 -6.91
CA ALA A 392 -7.18 -8.26 -5.75
C ALA A 392 -5.85 -8.95 -6.12
N GLY A 393 -5.89 -9.81 -7.14
CA GLY A 393 -4.67 -10.47 -7.60
C GLY A 393 -3.87 -9.70 -8.59
N TYR A 394 -4.26 -8.49 -9.00
CA TYR A 394 -3.62 -7.74 -10.07
C TYR A 394 -2.13 -7.65 -9.94
N THR A 395 -1.62 -7.18 -8.81
CA THR A 395 -0.21 -6.88 -8.63
C THR A 395 0.64 -8.14 -8.39
N ILE A 396 0.03 -9.29 -8.19
CA ILE A 396 0.70 -10.49 -7.73
C ILE A 396 0.89 -11.45 -8.91
N HIS A 397 2.15 -11.83 -9.14
CA HIS A 397 2.49 -12.72 -10.23
C HIS A 397 2.80 -14.15 -9.84
N ARG A 398 3.10 -14.41 -8.58
CA ARG A 398 3.35 -15.80 -8.15
C ARG A 398 2.62 -16.04 -6.85
N LEU A 399 1.81 -17.09 -6.79
CA LEU A 399 1.22 -17.55 -5.57
C LEU A 399 1.99 -18.78 -5.09
N VAL A 400 2.37 -18.82 -3.83
CA VAL A 400 3.06 -19.98 -3.26
C VAL A 400 2.15 -20.61 -2.24
N LEU A 401 1.72 -21.86 -2.48
CA LEU A 401 0.89 -22.59 -1.53
C LEU A 401 1.78 -23.30 -0.53
N VAL A 402 1.52 -23.10 0.76
CA VAL A 402 2.34 -23.74 1.80
C VAL A 402 1.42 -24.33 2.84
N GLY A 403 1.88 -25.38 3.48
CA GLY A 403 1.14 -26.00 4.57
C GLY A 403 1.25 -25.27 5.88
N ASP A 404 0.60 -25.88 6.86
CA ASP A 404 0.33 -25.24 8.15
C ASP A 404 1.55 -25.00 8.97
N ASP A 405 2.67 -25.66 8.69
CA ASP A 405 3.87 -25.41 9.48
C ASP A 405 4.55 -24.09 9.12
N ILE A 406 4.22 -23.49 8.01
CA ILE A 406 4.92 -22.29 7.54
C ILE A 406 4.18 -21.04 8.02
N ASP A 407 4.93 -20.12 8.63
CA ASP A 407 4.45 -18.77 8.96
C ASP A 407 4.68 -17.89 7.73
N VAL A 408 3.61 -17.58 7.02
CA VAL A 408 3.77 -16.81 5.79
C VAL A 408 4.24 -15.38 6.01
N TYR A 409 4.17 -14.89 7.25
CA TYR A 409 4.65 -13.54 7.57
C TYR A 409 6.15 -13.54 7.75
N GLU A 410 6.80 -14.70 7.68
CA GLU A 410 8.26 -14.83 7.83
C GLU A 410 8.85 -15.21 6.50
N GLY A 411 9.47 -14.28 5.80
CA GLY A 411 9.96 -14.54 4.46
C GLY A 411 10.97 -15.63 4.39
N LYS A 412 11.81 -15.79 5.40
N LYS A 412 11.82 -15.81 5.39
CA LYS A 412 12.80 -16.87 5.41
CA LYS A 412 12.81 -16.89 5.32
C LYS A 412 12.11 -18.21 5.29
C LYS A 412 12.13 -18.26 5.32
N ASP A 413 10.98 -18.39 5.96
CA ASP A 413 10.30 -19.66 6.00
C ASP A 413 9.54 -19.90 4.70
N VAL A 414 8.99 -18.86 4.09
CA VAL A 414 8.41 -18.96 2.76
C VAL A 414 9.44 -19.39 1.73
N LEU A 415 10.61 -18.77 1.80
N LEU A 415 10.62 -18.75 1.76
CA LEU A 415 11.67 -19.08 0.83
CA LEU A 415 11.67 -19.10 0.79
C LEU A 415 12.15 -20.51 1.02
C LEU A 415 12.14 -20.53 1.02
N TRP A 416 12.27 -20.97 2.25
CA TRP A 416 12.63 -22.33 2.56
C TRP A 416 11.63 -23.28 1.93
N ALA A 417 10.33 -23.07 2.20
CA ALA A 417 9.30 -23.97 1.68
C ALA A 417 9.28 -23.94 0.15
N PHE A 418 9.31 -22.77 -0.45
CA PHE A 418 9.28 -22.67 -1.92
C PHE A 418 10.42 -23.44 -2.52
N SER A 419 11.61 -23.28 -1.96
N SER A 419 11.64 -23.26 -1.99
CA SER A 419 12.83 -23.81 -2.55
CA SER A 419 12.85 -23.80 -2.61
C SER A 419 12.95 -25.33 -2.37
C SER A 419 12.99 -25.32 -2.36
N THR A 420 12.30 -25.89 -1.39
CA THR A 420 12.47 -27.29 -1.02
C THR A 420 11.26 -28.16 -1.29
N ARG A 421 10.07 -27.57 -1.50
CA ARG A 421 8.82 -28.32 -1.60
C ARG A 421 8.13 -28.17 -2.95
N CYS A 422 8.51 -27.20 -3.78
CA CYS A 422 7.89 -26.99 -5.08
C CYS A 422 8.86 -27.38 -6.19
N ARG A 423 8.61 -28.49 -6.86
CA ARG A 423 9.42 -28.91 -8.00
C ARG A 423 9.17 -27.99 -9.17
N PRO A 424 10.20 -27.30 -9.68
CA PRO A 424 10.00 -26.39 -10.82
C PRO A 424 9.30 -27.11 -11.97
N GLY A 425 8.32 -26.47 -12.58
CA GLY A 425 7.59 -27.02 -13.72
C GLY A 425 6.48 -27.89 -13.25
N MET A 426 6.76 -29.11 -12.79
CA MET A 426 5.75 -30.08 -12.46
C MET A 426 4.80 -29.63 -11.39
N ASP A 427 5.29 -28.90 -10.39
CA ASP A 427 4.46 -28.45 -9.27
C ASP A 427 3.93 -27.05 -9.44
N GLU A 428 3.94 -26.56 -10.68
CA GLU A 428 3.52 -25.21 -10.98
C GLU A 428 2.50 -25.20 -12.11
N THR A 429 1.64 -24.19 -12.10
CA THR A 429 0.75 -23.93 -13.22
C THR A 429 0.92 -22.50 -13.67
N LEU A 430 1.25 -22.30 -14.94
CA LEU A 430 1.40 -20.99 -15.55
C LEU A 430 0.05 -20.48 -16.03
N PHE A 431 -0.16 -19.19 -15.92
CA PHE A 431 -1.38 -18.49 -16.35
C PHE A 431 -0.99 -17.42 -17.31
N GLU A 432 -1.23 -17.62 -18.62
CA GLU A 432 -0.86 -16.67 -19.64
C GLU A 432 -2.05 -15.81 -20.06
N ASP A 433 -3.27 -16.16 -19.68
CA ASP A 433 -4.46 -15.47 -20.17
C ASP A 433 -5.19 -14.79 -19.03
N VAL A 434 -4.45 -14.13 -18.21
CA VAL A 434 -4.88 -13.28 -17.08
C VAL A 434 -4.25 -11.90 -17.25
N ARG A 435 -4.84 -10.91 -16.61
CA ARG A 435 -4.25 -9.56 -16.65
C ARG A 435 -2.92 -9.61 -15.87
N GLY A 436 -1.90 -9.01 -16.47
CA GLY A 436 -0.59 -8.86 -15.87
C GLY A 436 -0.36 -7.43 -15.38
N PHE A 437 0.64 -7.29 -14.49
CA PHE A 437 0.95 -5.98 -13.88
C PHE A 437 2.13 -5.37 -14.61
N PRO A 438 1.89 -4.36 -15.46
CA PRO A 438 2.96 -3.93 -16.34
C PRO A 438 4.12 -3.26 -15.63
N LEU A 439 3.91 -2.77 -14.42
N LEU A 439 3.91 -2.77 -14.42
CA LEU A 439 4.97 -2.07 -13.65
CA LEU A 439 4.96 -2.08 -13.65
C LEU A 439 6.12 -3.03 -13.32
C LEU A 439 6.11 -3.04 -13.31
N ILE A 440 5.88 -4.32 -13.21
CA ILE A 440 6.99 -5.23 -12.96
C ILE A 440 7.91 -5.19 -14.17
N PRO A 441 9.24 -5.02 -14.01
CA PRO A 441 10.11 -4.87 -15.18
C PRO A 441 9.96 -5.99 -16.19
N TYR A 442 9.88 -7.24 -15.73
CA TYR A 442 9.79 -8.36 -16.69
C TYR A 442 8.47 -8.37 -17.46
N MET A 443 7.50 -7.53 -17.08
CA MET A 443 6.24 -7.36 -17.81
C MET A 443 6.41 -6.18 -18.77
N GLY A 444 6.33 -4.96 -18.28
CA GLY A 444 6.30 -3.81 -19.16
C GLY A 444 7.57 -3.53 -19.92
N HIS A 445 8.71 -4.01 -19.42
CA HIS A 445 9.98 -3.88 -20.10
C HIS A 445 10.61 -5.21 -20.43
N GLY A 446 9.77 -6.23 -20.55
CA GLY A 446 10.23 -7.61 -20.75
C GLY A 446 10.07 -8.18 -22.11
N ASN A 447 10.05 -9.48 -22.22
CA ASN A 447 10.07 -10.18 -23.50
C ASN A 447 8.68 -10.50 -24.03
N GLY A 448 7.63 -10.34 -23.25
CA GLY A 448 6.30 -10.72 -23.62
C GLY A 448 5.33 -9.57 -23.51
N PRO A 449 4.03 -9.88 -23.66
CA PRO A 449 2.98 -8.86 -23.56
C PRO A 449 3.07 -8.14 -22.20
N ALA A 450 3.00 -6.81 -22.23
CA ALA A 450 3.14 -6.01 -21.01
C ALA A 450 1.97 -6.25 -20.08
N HIS A 451 0.79 -6.53 -20.62
CA HIS A 451 -0.47 -6.51 -19.85
C HIS A 451 -1.12 -7.86 -19.67
N ARG A 452 -0.48 -8.93 -20.11
CA ARG A 452 -1.11 -10.25 -20.08
C ARG A 452 -0.12 -11.30 -19.68
N GLY A 453 -0.57 -12.18 -18.83
CA GLY A 453 0.15 -13.40 -18.51
C GLY A 453 1.34 -13.17 -17.56
N GLY A 454 2.25 -14.13 -17.56
CA GLY A 454 3.41 -14.06 -16.70
C GLY A 454 3.10 -14.42 -15.28
N LYS A 455 2.02 -15.14 -15.00
CA LYS A 455 1.64 -15.52 -13.65
C LYS A 455 1.76 -16.98 -13.43
N VAL A 456 1.93 -17.38 -12.17
CA VAL A 456 2.17 -18.79 -11.82
C VAL A 456 1.63 -19.10 -10.45
N VAL A 457 1.10 -20.30 -10.27
CA VAL A 457 0.84 -20.87 -8.96
C VAL A 457 1.91 -21.93 -8.71
N SER A 458 2.67 -21.78 -7.66
CA SER A 458 3.74 -22.68 -7.25
C SER A 458 3.28 -23.43 -6.02
N ASP A 459 3.08 -24.75 -6.15
CA ASP A 459 2.56 -25.54 -5.04
C ASP A 459 3.74 -26.09 -4.20
N ALA A 460 3.92 -25.50 -3.02
CA ALA A 460 4.89 -25.95 -2.04
C ALA A 460 4.23 -26.80 -0.97
N LEU A 461 3.05 -27.36 -1.22
CA LEU A 461 2.50 -28.46 -0.43
C LEU A 461 3.17 -29.74 -0.88
N MET A 462 3.53 -30.55 0.09
CA MET A 462 4.11 -31.88 -0.18
C MET A 462 3.01 -32.89 -0.45
N PRO A 463 3.33 -34.02 -1.13
CA PRO A 463 2.27 -34.92 -1.58
C PRO A 463 1.36 -35.42 -0.47
N THR A 464 1.93 -35.82 0.67
CA THR A 464 1.07 -36.37 1.71
C THR A 464 0.23 -35.30 2.37
N GLU A 465 0.47 -34.02 2.14
CA GLU A 465 -0.41 -33.01 2.71
C GLU A 465 -1.81 -33.07 2.08
N TYR A 466 -1.93 -33.66 0.88
CA TYR A 466 -3.22 -33.83 0.19
C TYR A 466 -3.91 -35.11 0.66
N THR A 467 -3.22 -36.03 1.34
CA THR A 467 -3.70 -37.41 1.54
C THR A 467 -3.82 -37.68 3.05
N THR A 468 -2.74 -38.07 3.68
CA THR A 468 -2.69 -38.64 5.02
C THR A 468 -2.08 -37.70 6.09
N GLY A 469 -1.36 -36.69 5.65
CA GLY A 469 -0.75 -35.71 6.56
C GLY A 469 0.73 -35.57 6.38
N ARG A 470 1.30 -34.51 6.89
CA ARG A 470 2.76 -34.27 6.87
C ARG A 470 3.51 -35.52 7.31
N ASN A 471 4.55 -35.87 6.57
CA ASN A 471 5.33 -37.11 6.76
C ASN A 471 6.80 -36.83 7.07
N TRP A 472 7.14 -35.59 7.42
CA TRP A 472 8.48 -35.17 7.81
C TRP A 472 8.48 -34.48 9.15
N GLU A 473 9.68 -34.34 9.70
CA GLU A 473 10.00 -33.39 10.76
C GLU A 473 11.10 -32.48 10.22
N ALA A 474 11.11 -31.21 10.62
CA ALA A 474 12.22 -30.37 10.21
C ALA A 474 13.48 -30.81 10.93
N ALA A 475 14.60 -30.68 10.25
CA ALA A 475 15.96 -30.83 10.78
C ALA A 475 16.40 -29.49 11.36
N ASP A 476 15.71 -29.09 12.41
CA ASP A 476 15.97 -27.82 13.07
C ASP A 476 15.95 -28.05 14.57
N PHE A 477 16.39 -27.02 15.32
CA PHE A 477 16.43 -27.17 16.76
C PHE A 477 15.04 -27.47 17.32
N ASN A 478 14.04 -26.77 16.78
CA ASN A 478 12.67 -26.91 17.32
C ASN A 478 12.12 -28.32 17.19
N GLN A 479 12.33 -28.95 16.03
CA GLN A 479 11.63 -30.18 15.70
C GLN A 479 12.47 -31.45 15.83
N SER A 480 13.77 -31.34 15.88
N SER A 480 13.81 -31.33 15.88
CA SER A 480 14.56 -32.57 15.83
CA SER A 480 14.75 -32.49 15.89
C SER A 480 15.14 -32.91 17.21
C SER A 480 15.04 -33.04 17.28
N TYR A 481 14.63 -32.29 18.29
CA TYR A 481 15.08 -32.58 19.65
C TYR A 481 13.86 -32.54 20.56
N PRO A 482 13.82 -33.40 21.57
CA PRO A 482 12.69 -33.39 22.50
C PRO A 482 12.64 -32.13 23.35
N GLU A 483 11.43 -31.85 23.86
CA GLU A 483 11.18 -30.64 24.66
C GLU A 483 12.14 -30.51 25.82
N ASP A 484 12.32 -31.59 26.54
N ASP A 484 12.32 -31.57 26.59
CA ASP A 484 13.08 -31.48 27.79
CA ASP A 484 13.14 -31.46 27.83
C ASP A 484 14.56 -31.20 27.49
C ASP A 484 14.56 -31.06 27.41
N LEU A 485 15.07 -31.69 26.37
CA LEU A 485 16.44 -31.41 25.96
C LEU A 485 16.56 -29.98 25.46
N LYS A 486 15.62 -29.52 24.66
CA LYS A 486 15.68 -28.15 24.17
C LYS A 486 15.75 -27.20 25.37
N GLN A 487 14.88 -27.44 26.36
CA GLN A 487 14.81 -26.51 27.51
C GLN A 487 16.13 -26.53 28.29
N LYS A 488 16.72 -27.71 28.44
CA LYS A 488 18.03 -27.83 29.11
C LYS A 488 19.11 -27.03 28.39
N VAL A 489 19.15 -27.18 27.10
CA VAL A 489 20.12 -26.42 26.28
C VAL A 489 19.92 -24.92 26.45
N LEU A 490 18.67 -24.49 26.37
CA LEU A 490 18.43 -23.05 26.51
C LEU A 490 18.83 -22.62 27.94
N ASP A 491 18.44 -23.40 28.93
CA ASP A 491 18.70 -22.98 30.31
C ASP A 491 20.19 -22.91 30.62
N ASN A 492 21.00 -23.74 29.95
CA ASN A 492 22.44 -23.80 30.24
C ASN A 492 23.26 -23.02 29.21
N TRP A 493 22.62 -22.31 28.27
CA TRP A 493 23.30 -21.67 27.13
C TRP A 493 24.33 -20.69 27.65
N THR A 494 23.92 -19.78 28.41
CA THR A 494 24.96 -18.78 28.67
C THR A 494 26.22 -19.74 29.55
N LYS A 495 25.72 -20.75 30.39
CA LYS A 495 26.58 -21.07 31.43
C LYS A 495 27.71 -21.90 30.86
N MET A 496 27.22 -22.43 29.64
CA MET A 496 28.21 -23.22 28.83
C MET A 496 29.18 -22.36 28.03
N GLY A 497 28.81 -21.04 27.79
CA GLY A 497 29.65 -19.91 27.25
C GLY A 497 29.13 -19.13 26.03
N PHE A 498 27.92 -19.43 25.55
CA PHE A 498 27.32 -18.97 24.27
C PHE A 498 26.62 -17.62 24.48
N SER A 499 26.08 -16.95 23.43
CA SER A 499 25.49 -15.57 23.54
C SER A 499 23.97 -15.57 23.53
N HIS A 503 18.10 -8.67 23.65
CA HIS A 503 16.81 -8.55 24.39
C HIS A 503 15.65 -8.33 23.43
N HIS A 504 14.48 -8.91 23.69
CA HIS A 504 13.30 -8.84 22.79
C HIS A 504 13.11 -7.43 22.20
N HIS A 505 13.08 -6.39 23.05
CA HIS A 505 12.74 -4.97 22.70
C HIS A 505 13.97 -4.20 22.18
N HIS A 506 15.20 -4.65 22.49
CA HIS A 506 16.52 -4.11 21.94
MN MN B . -11.99 1.14 -4.15
K K C . -8.99 1.58 -2.10
K K D . 4.87 -29.65 -4.21
C1 BYN E . -2.27 2.73 -8.96
N1 BYN E . -1.40 3.71 -9.46
C2 BYN E . -0.29 4.13 -8.66
C3 BYN E . -0.14 3.59 -7.46
C4 BYN E . -1.09 2.69 -6.98
N2 BYN E . -2.08 2.25 -7.70
N3 BYN E . 0.98 3.93 -6.58
C5 BYN E . 0.86 3.69 -5.14
C6 BYN E . -0.15 2.88 -4.75
N4 BYN E . -1.00 2.24 -5.69
C7 BYN E . 1.77 4.32 -4.26
C8 BYN E . 1.64 4.05 -2.91
C9 BYN E . 0.64 3.22 -2.47
C10 BYN E . -0.29 2.65 -3.37
C11 BYN E . 2.12 4.39 -7.04
C12 BYN E . 3.25 4.64 -6.22
C13 BYN E . 2.78 5.27 -4.95
O1 BYN E . -3.25 2.47 -9.65
C14 BYN E . 0.51 2.79 -1.02
C15 BYN E . 2.52 4.71 -1.82
O2 BYN E . 2.62 3.52 -8.19
C16 BYN E . 4.04 5.67 -4.19
C17 BYN E . 2.04 6.60 -5.24
C18 BYN E . -1.81 1.11 -5.33
O3 BYN E . 0.40 5.01 -9.24
C19 BYN E . -3.28 1.34 -5.08
C20 BYN E . -4.01 0.08 -4.66
C21 BYN E . -5.47 0.33 -4.26
C22 BYN E . -6.23 1.18 -5.26
O4 BYN E . -3.44 2.35 -4.07
O5 BYN E . -3.92 -0.83 -5.76
O6 BYN E . -6.11 -0.94 -4.13
O7 BYN E . -7.53 1.50 -4.72
P1 BYN E . -8.86 0.89 -5.41
O8 BYN E . -9.96 1.72 -4.74
O9 BYN E . -8.73 1.08 -6.89
O10 BYN E . -8.92 -0.57 -4.99
C01 ND8 F . -0.98 0.08 -9.95
C02 ND8 F . -0.76 -0.60 -8.71
C03 ND8 F . 0.39 -0.38 -7.96
C04 ND8 F . 1.36 0.60 -8.33
C05 ND8 F . 1.12 1.24 -9.67
C06 ND8 F . -0.02 1.02 -10.42
C07 ND8 F . 2.29 2.20 -10.02
C08 ND8 F . 3.20 2.02 -8.93
C09 ND8 F . 4.52 2.73 -8.75
O10 ND8 F . 5.19 2.07 -7.82
O11 ND8 F . 4.54 3.90 -9.05
S12 ND8 F . 2.77 0.89 -7.67
#